data_3L0T
#
_entry.id   3L0T
#
_cell.length_a   74.198
_cell.length_b   75.512
_cell.length_c   102.724
_cell.angle_alpha   90.00
_cell.angle_beta   90.00
_cell.angle_gamma   90.00
#
_symmetry.space_group_name_H-M   'P 21 21 21'
#
loop_
_entity.id
_entity.type
_entity.pdbx_description
1 polymer 'Disintegrin and metalloproteinase domain-containing protein 17'
2 non-polymer 'ZINC ION'
3 non-polymer N-{(2R)-2-[2-(hydroxyamino)-2-oxoethyl]-4-methylpentanoyl}-3-methyl-L-valyl-N-(2-aminoethyl)-L-alaninamide
4 non-polymer 'ISOPROPYL ALCOHOL'
5 non-polymer N-{4-[(4S)-2,5-dioxoimidazolidin-4-yl]phenyl}acetamide
6 water water
#
_entity_poly.entity_id   1
_entity_poly.type   'polypeptide(L)'
_entity_poly.pdbx_seq_one_letter_code
;RADPDPMKNTCKLLVVADHRFYRYMGRGEESTTTNYLIELIDRVDDIYRNTAWDNAGFKGYGIQIEQIRILKSPQEVKPG
EKHYNMAKSYPNEEKDAWDVKMLLEQFSFDIAEEASKVCLAHLFTYQDFDMGTLGLAYGGSPRANSHGGVCPKAYYSPVG
KKNIYLNSGLTSTKNYGKTILTKEADLVTTHELGHNFGAEHDPDGLAECAPNEDQGGKYVMYPIAVSGDHENNKMFSQCS
KQSIYKTIESKAQECFQERSNKGSHHHHHH
;
_entity_poly.pdbx_strand_id   A,B
#
# COMPACT_ATOMS: atom_id res chain seq x y z
N PRO A 4 -4.10 -1.16 -5.16
CA PRO A 4 -3.87 -2.07 -6.29
C PRO A 4 -5.10 -2.23 -7.18
N ASP A 5 -4.96 -1.90 -8.48
CA ASP A 5 -6.05 -1.98 -9.45
C ASP A 5 -6.08 -3.35 -10.15
N PRO A 6 -7.12 -4.19 -9.91
CA PRO A 6 -7.17 -5.52 -10.57
C PRO A 6 -7.37 -5.46 -12.09
N MET A 7 -7.73 -4.29 -12.62
CA MET A 7 -7.93 -4.08 -14.05
C MET A 7 -6.62 -3.67 -14.72
N LYS A 8 -5.61 -3.29 -13.91
CA LYS A 8 -4.31 -2.81 -14.39
C LYS A 8 -3.20 -3.38 -13.49
N ASN A 9 -3.08 -4.71 -13.43
CA ASN A 9 -2.05 -5.33 -12.57
C ASN A 9 -1.06 -6.27 -13.28
N THR A 10 -1.19 -6.42 -14.61
CA THR A 10 -0.38 -7.36 -15.38
C THR A 10 0.35 -6.68 -16.53
N CYS A 11 1.66 -6.94 -16.62
CA CYS A 11 2.47 -6.41 -17.72
C CYS A 11 2.44 -7.51 -18.81
N LYS A 12 1.73 -7.24 -19.92
CA LYS A 12 1.66 -8.20 -21.03
C LYS A 12 2.94 -8.16 -21.86
N LEU A 13 3.45 -9.34 -22.24
CA LEU A 13 4.70 -9.43 -22.98
C LEU A 13 4.59 -9.90 -24.40
N LEU A 14 5.45 -9.35 -25.24
CA LEU A 14 5.68 -9.87 -26.56
C LEU A 14 6.97 -10.66 -26.31
N VAL A 15 6.89 -11.98 -26.45
CA VAL A 15 8.05 -12.85 -26.27
C VAL A 15 8.51 -13.24 -27.68
N VAL A 16 9.82 -13.13 -27.94
CA VAL A 16 10.38 -13.46 -29.23
C VAL A 16 11.43 -14.53 -29.06
N ALA A 17 11.30 -15.63 -29.80
CA ALA A 17 12.35 -16.66 -29.81
C ALA A 17 13.03 -16.53 -31.17
N ASP A 18 14.35 -16.26 -31.18
CA ASP A 18 15.02 -16.18 -32.46
C ASP A 18 15.34 -17.56 -33.06
N HIS A 19 15.94 -17.60 -34.24
CA HIS A 19 16.30 -18.87 -34.91
C HIS A 19 17.25 -19.73 -34.10
N ARG A 20 18.16 -19.10 -33.32
CA ARG A 20 19.11 -19.81 -32.48
C ARG A 20 18.36 -20.52 -31.37
N PHE A 21 17.46 -19.79 -30.64
CA PHE A 21 16.62 -20.36 -29.60
C PHE A 21 15.75 -21.50 -30.16
N TYR A 22 15.14 -21.30 -31.33
CA TYR A 22 14.25 -22.29 -31.95
C TYR A 22 15.00 -23.61 -32.25
N ARG A 23 16.20 -23.48 -32.81
CA ARG A 23 17.02 -24.63 -33.17
C ARG A 23 17.59 -25.35 -31.94
N TYR A 24 18.23 -24.60 -31.04
CA TYR A 24 18.94 -25.18 -29.92
C TYR A 24 18.20 -25.46 -28.62
N MET A 25 17.07 -24.78 -28.38
CA MET A 25 16.26 -24.96 -27.17
C MET A 25 14.95 -25.64 -27.53
N GLY A 26 14.44 -25.31 -28.72
CA GLY A 26 13.16 -25.83 -29.21
C GLY A 26 13.28 -27.03 -30.14
N ARG A 27 14.52 -27.54 -30.36
CA ARG A 27 14.82 -28.71 -31.22
C ARG A 27 14.11 -28.63 -32.60
N GLY A 28 14.05 -27.42 -33.14
CA GLY A 28 13.40 -27.11 -34.42
C GLY A 28 11.89 -27.35 -34.42
N GLU A 29 11.26 -27.26 -33.25
CA GLU A 29 9.82 -27.48 -33.12
C GLU A 29 9.17 -26.32 -32.37
N GLU A 30 8.04 -25.86 -32.89
CA GLU A 30 7.25 -24.78 -32.32
C GLU A 30 6.67 -25.15 -30.94
N SER A 31 6.14 -26.38 -30.76
CA SER A 31 5.55 -26.82 -29.47
C SER A 31 6.61 -26.80 -28.35
N THR A 32 7.79 -27.35 -28.63
CA THR A 32 8.91 -27.42 -27.69
C THR A 32 9.36 -26.00 -27.30
N THR A 33 9.48 -25.11 -28.31
CA THR A 33 9.88 -23.71 -28.13
C THR A 33 8.91 -22.97 -27.19
N THR A 34 7.63 -22.94 -27.56
CA THR A 34 6.60 -22.20 -26.81
C THR A 34 6.35 -22.78 -25.41
N ASN A 35 6.36 -24.13 -25.24
CA ASN A 35 6.16 -24.74 -23.92
CA ASN A 35 6.15 -24.70 -23.90
C ASN A 35 7.26 -24.26 -22.95
N TYR A 36 8.51 -24.28 -23.41
CA TYR A 36 9.63 -23.83 -22.59
C TYR A 36 9.38 -22.40 -22.11
N LEU A 37 9.00 -21.50 -23.05
CA LEU A 37 8.79 -20.10 -22.78
C LEU A 37 7.58 -19.82 -21.89
N ILE A 38 6.47 -20.50 -22.16
CA ILE A 38 5.24 -20.40 -21.35
C ILE A 38 5.55 -20.81 -19.91
N GLU A 39 6.25 -21.93 -19.71
CA GLU A 39 6.53 -22.39 -18.34
C GLU A 39 7.49 -21.45 -17.64
N LEU A 40 8.51 -20.95 -18.36
CA LEU A 40 9.48 -20.03 -17.74
C LEU A 40 8.81 -18.75 -17.28
N ILE A 41 8.03 -18.10 -18.17
CA ILE A 41 7.36 -16.88 -17.81
C ILE A 41 6.36 -17.10 -16.65
N ASP A 42 5.64 -18.23 -16.65
CA ASP A 42 4.73 -18.53 -15.54
C ASP A 42 5.51 -18.62 -14.18
N ARG A 43 6.71 -19.28 -14.15
CA ARG A 43 7.51 -19.36 -12.91
C ARG A 43 8.04 -17.99 -12.49
N VAL A 44 8.47 -17.17 -13.47
CA VAL A 44 8.94 -15.82 -13.18
C VAL A 44 7.74 -15.03 -12.62
N ASP A 45 6.54 -15.19 -13.22
CA ASP A 45 5.31 -14.52 -12.75
C ASP A 45 5.01 -14.83 -11.27
N ASP A 46 5.22 -16.09 -10.83
CA ASP A 46 5.05 -16.51 -9.44
C ASP A 46 5.93 -15.67 -8.51
N ILE A 47 7.16 -15.34 -8.93
CA ILE A 47 8.00 -14.50 -8.10
C ILE A 47 7.40 -13.09 -8.01
N TYR A 48 7.01 -12.53 -9.18
CA TYR A 48 6.48 -11.15 -9.25
C TYR A 48 5.18 -10.99 -8.50
N ARG A 49 4.19 -11.80 -8.87
CA ARG A 49 2.81 -11.79 -8.37
C ARG A 49 2.76 -11.93 -6.82
N ASN A 50 3.70 -12.70 -6.23
CA ASN A 50 3.77 -12.93 -4.79
C ASN A 50 4.62 -11.91 -4.02
N THR A 51 5.26 -10.97 -4.74
CA THR A 51 6.09 -9.96 -4.08
C THR A 51 5.23 -8.81 -3.60
N ALA A 52 5.38 -8.46 -2.31
CA ALA A 52 4.71 -7.33 -1.67
C ALA A 52 5.69 -6.18 -1.79
N TRP A 53 5.49 -5.32 -2.80
CA TRP A 53 6.38 -4.19 -3.12
C TRP A 53 6.50 -3.15 -1.99
N ASP A 54 5.50 -3.10 -1.08
CA ASP A 54 5.51 -2.22 0.10
C ASP A 54 5.61 -2.99 1.43
N ASN A 55 5.66 -4.34 1.38
CA ASN A 55 5.70 -5.26 2.54
C ASN A 55 4.35 -5.29 3.28
N ALA A 56 3.28 -5.02 2.52
CA ALA A 56 1.90 -4.99 2.97
C ALA A 56 1.01 -5.67 1.90
N GLY A 57 -0.04 -5.00 1.45
CA GLY A 57 -0.99 -5.54 0.47
C GLY A 57 -0.76 -5.07 -0.95
N PHE A 58 0.43 -4.50 -1.24
CA PHE A 58 0.71 -4.05 -2.59
C PHE A 58 1.48 -5.14 -3.32
N LYS A 59 0.75 -6.21 -3.62
CA LYS A 59 1.18 -7.42 -4.31
C LYS A 59 0.14 -7.79 -5.36
N GLY A 60 0.42 -8.83 -6.11
CA GLY A 60 -0.49 -9.29 -7.17
C GLY A 60 -0.13 -8.76 -8.55
N TYR A 61 0.98 -8.03 -8.64
CA TYR A 61 1.47 -7.48 -9.91
C TYR A 61 2.35 -8.50 -10.58
N GLY A 62 2.02 -8.83 -11.83
CA GLY A 62 2.80 -9.81 -12.55
C GLY A 62 2.92 -9.61 -14.03
N ILE A 63 3.24 -10.71 -14.71
CA ILE A 63 3.53 -10.71 -16.13
C ILE A 63 2.82 -11.86 -16.80
N GLN A 64 2.40 -11.64 -18.03
CA GLN A 64 1.74 -12.71 -18.81
C GLN A 64 2.12 -12.54 -20.23
N ILE A 65 2.20 -13.64 -20.98
CA ILE A 65 2.58 -13.59 -22.40
C ILE A 65 1.35 -13.20 -23.21
N GLU A 66 1.46 -12.16 -24.06
CA GLU A 66 0.40 -11.78 -24.98
C GLU A 66 0.61 -12.54 -26.30
N GLN A 67 1.87 -12.60 -26.73
CA GLN A 67 2.21 -13.23 -27.99
C GLN A 67 3.58 -13.80 -27.94
N ILE A 68 3.79 -14.96 -28.59
CA ILE A 68 5.09 -15.56 -28.82
C ILE A 68 5.38 -15.53 -30.31
N ARG A 69 6.38 -14.74 -30.71
CA ARG A 69 6.84 -14.71 -32.10
C ARG A 69 7.95 -15.78 -32.17
N ILE A 70 7.83 -16.66 -33.14
CA ILE A 70 8.74 -17.80 -33.34
C ILE A 70 9.45 -17.63 -34.67
N LEU A 71 10.73 -17.28 -34.62
CA LEU A 71 11.55 -17.12 -35.81
C LEU A 71 12.27 -18.41 -36.09
N LYS A 72 11.71 -19.19 -37.00
CA LYS A 72 12.18 -20.51 -37.39
C LYS A 72 13.51 -20.51 -38.17
N SER A 73 13.77 -19.47 -38.97
CA SER A 73 15.01 -19.44 -39.75
C SER A 73 15.73 -18.09 -39.61
N PRO A 74 17.04 -17.97 -39.99
CA PRO A 74 17.71 -16.66 -39.87
C PRO A 74 17.14 -15.63 -40.80
N GLN A 75 17.16 -14.37 -40.39
CA GLN A 75 16.68 -13.27 -41.21
C GLN A 75 17.70 -12.94 -42.30
N GLU A 76 17.28 -13.08 -43.57
CA GLU A 76 18.14 -12.73 -44.70
C GLU A 76 18.31 -11.22 -44.71
N VAL A 77 19.56 -10.77 -44.87
CA VAL A 77 19.92 -9.37 -44.87
C VAL A 77 20.69 -9.03 -46.14
N LYS A 78 20.56 -7.79 -46.60
CA LYS A 78 21.28 -7.25 -47.74
C LYS A 78 22.71 -6.97 -47.26
N PRO A 79 23.74 -6.92 -48.15
CA PRO A 79 25.10 -6.63 -47.67
C PRO A 79 25.16 -5.33 -46.89
N GLY A 80 25.77 -5.37 -45.71
CA GLY A 80 25.91 -4.21 -44.82
C GLY A 80 24.70 -3.87 -43.97
N GLU A 81 23.59 -4.60 -44.12
CA GLU A 81 22.36 -4.39 -43.35
C GLU A 81 22.36 -5.41 -42.20
N LYS A 82 21.94 -4.99 -41.00
CA LYS A 82 21.87 -5.90 -39.86
C LYS A 82 20.46 -6.06 -39.28
N HIS A 83 20.21 -7.21 -38.65
CA HIS A 83 18.93 -7.57 -38.04
C HIS A 83 19.27 -8.49 -36.86
N TYR A 84 18.53 -8.38 -35.74
CA TYR A 84 18.81 -9.20 -34.56
C TYR A 84 18.71 -10.72 -34.82
N ASN A 85 17.88 -11.13 -35.78
CA ASN A 85 17.67 -12.52 -36.15
C ASN A 85 18.54 -12.97 -37.34
N MET A 86 19.54 -12.16 -37.72
CA MET A 86 20.39 -12.54 -38.84
C MET A 86 21.27 -13.73 -38.44
N ALA A 87 21.80 -14.47 -39.42
CA ALA A 87 22.62 -15.68 -39.16
C ALA A 87 23.91 -15.31 -38.42
N LYS A 88 24.56 -14.21 -38.83
CA LYS A 88 25.85 -13.83 -38.26
C LYS A 88 25.75 -12.99 -36.99
N SER A 89 26.78 -13.11 -36.13
CA SER A 89 26.91 -12.27 -34.94
C SER A 89 27.45 -10.96 -35.42
N TYR A 90 27.23 -9.91 -34.63
CA TYR A 90 27.67 -8.56 -34.91
C TYR A 90 28.18 -7.94 -33.59
N PRO A 91 29.29 -7.17 -33.60
CA PRO A 91 30.12 -6.74 -34.75
C PRO A 91 31.20 -7.70 -35.22
N ASN A 92 31.38 -8.83 -34.52
CA ASN A 92 32.40 -9.80 -34.86
C ASN A 92 31.79 -11.10 -35.31
N GLU A 93 31.69 -11.30 -36.63
CA GLU A 93 31.08 -12.52 -37.21
C GLU A 93 31.77 -13.84 -36.82
N GLU A 94 33.03 -13.77 -36.34
CA GLU A 94 33.82 -14.93 -35.95
C GLU A 94 33.36 -15.47 -34.59
N LYS A 95 32.73 -14.61 -33.77
CA LYS A 95 32.25 -14.96 -32.44
C LYS A 95 30.87 -15.60 -32.47
N ASP A 96 30.61 -16.49 -31.49
CA ASP A 96 29.33 -17.19 -31.37
C ASP A 96 28.18 -16.23 -31.13
N ALA A 97 28.45 -15.10 -30.49
CA ALA A 97 27.45 -14.14 -30.08
C ALA A 97 27.70 -12.73 -30.52
N TRP A 98 26.63 -11.94 -30.55
CA TRP A 98 26.70 -10.51 -30.76
C TRP A 98 27.36 -9.87 -29.52
N ASP A 99 27.72 -8.57 -29.62
CA ASP A 99 28.07 -7.75 -28.47
C ASP A 99 26.63 -7.54 -27.87
N VAL A 100 26.41 -7.85 -26.58
CA VAL A 100 25.09 -7.84 -25.93
C VAL A 100 24.35 -6.51 -26.02
N LYS A 101 25.10 -5.38 -25.83
CA LYS A 101 24.52 -4.02 -25.91
C LYS A 101 23.99 -3.72 -27.31
N MET A 102 24.79 -4.05 -28.32
CA MET A 102 24.41 -3.87 -29.72
C MET A 102 23.21 -4.75 -30.10
N LEU A 103 23.16 -6.02 -29.60
CA LEU A 103 22.04 -6.88 -29.88
C LEU A 103 20.73 -6.31 -29.28
N LEU A 104 20.75 -5.82 -28.01
CA LEU A 104 19.56 -5.25 -27.36
C LEU A 104 19.07 -4.00 -28.15
N GLU A 105 20.00 -3.11 -28.54
CA GLU A 105 19.69 -1.94 -29.38
C GLU A 105 19.10 -2.41 -30.72
N GLN A 106 19.71 -3.43 -31.39
CA GLN A 106 19.18 -3.93 -32.67
C GLN A 106 17.78 -4.53 -32.56
N PHE A 107 17.58 -5.37 -31.53
CA PHE A 107 16.28 -5.97 -31.31
C PHE A 107 15.23 -4.86 -31.13
N SER A 108 15.51 -3.86 -30.27
CA SER A 108 14.59 -2.73 -30.01
C SER A 108 14.26 -1.97 -31.31
N PHE A 109 15.27 -1.76 -32.18
CA PHE A 109 15.08 -1.14 -33.49
C PHE A 109 14.13 -1.97 -34.36
N ASP A 110 14.43 -3.28 -34.53
CA ASP A 110 13.63 -4.13 -35.43
C ASP A 110 12.23 -4.41 -34.96
N ILE A 111 11.99 -4.38 -33.65
CA ILE A 111 10.70 -4.72 -33.03
C ILE A 111 9.88 -3.50 -32.64
N ALA A 112 10.36 -2.30 -33.02
CA ALA A 112 9.78 -1.01 -32.65
C ALA A 112 8.27 -0.86 -32.79
N GLU A 113 7.70 -1.28 -33.91
CA GLU A 113 6.25 -1.18 -34.16
C GLU A 113 5.46 -2.06 -33.17
N GLU A 114 5.91 -3.31 -32.98
CA GLU A 114 5.29 -4.25 -32.04
C GLU A 114 5.47 -3.81 -30.58
N ALA A 115 6.65 -3.30 -30.23
CA ALA A 115 7.00 -2.86 -28.87
C ALA A 115 6.15 -1.68 -28.40
N SER A 116 5.78 -0.78 -29.34
CA SER A 116 4.94 0.39 -29.04
C SER A 116 3.54 -0.01 -28.56
N LYS A 117 3.11 -1.26 -28.79
CA LYS A 117 1.77 -1.71 -28.44
C LYS A 117 1.71 -2.64 -27.23
N VAL A 118 2.86 -2.92 -26.58
CA VAL A 118 2.90 -3.87 -25.47
C VAL A 118 3.61 -3.29 -24.28
N CYS A 119 3.35 -3.85 -23.08
CA CYS A 119 4.04 -3.39 -21.88
C CYS A 119 5.55 -3.62 -22.02
N LEU A 120 5.97 -4.85 -22.41
CA LEU A 120 7.39 -5.23 -22.63
C LEU A 120 7.54 -6.20 -23.79
N ALA A 121 8.72 -6.19 -24.40
CA ALA A 121 9.10 -7.15 -25.42
C ALA A 121 10.38 -7.82 -24.88
N HIS A 122 10.44 -9.13 -24.96
CA HIS A 122 11.62 -9.84 -24.48
C HIS A 122 12.11 -10.82 -25.54
N LEU A 123 13.40 -10.74 -25.86
CA LEU A 123 14.08 -11.64 -26.79
C LEU A 123 14.69 -12.81 -26.01
N PHE A 124 14.41 -14.02 -26.47
CA PHE A 124 15.03 -15.22 -25.96
C PHE A 124 15.93 -15.76 -27.05
N THR A 125 17.23 -15.85 -26.77
CA THR A 125 18.23 -16.28 -27.75
C THR A 125 19.11 -17.44 -27.20
N TYR A 126 20.03 -17.94 -28.03
CA TYR A 126 20.93 -19.00 -27.64
C TYR A 126 22.28 -18.69 -28.26
N GLN A 127 23.03 -17.84 -27.59
CA GLN A 127 24.35 -17.40 -28.04
C GLN A 127 25.21 -17.11 -26.83
N ASP A 128 26.51 -17.44 -26.95
CA ASP A 128 27.41 -17.35 -25.83
C ASP A 128 28.07 -16.01 -25.72
N PHE A 129 27.42 -15.09 -25.00
CA PHE A 129 27.96 -13.76 -24.81
C PHE A 129 29.27 -13.87 -24.07
N ASP A 130 30.17 -13.00 -24.43
CA ASP A 130 31.52 -12.92 -23.87
C ASP A 130 31.49 -12.74 -22.37
N MET A 131 32.44 -13.37 -21.70
CA MET A 131 32.66 -13.23 -20.26
C MET A 131 31.46 -13.57 -19.33
N GLY A 132 30.68 -14.60 -19.70
CA GLY A 132 29.59 -15.07 -18.83
C GLY A 132 28.33 -14.23 -18.72
N THR A 133 28.17 -13.27 -19.64
CA THR A 133 26.96 -12.41 -19.68
C THR A 133 25.76 -13.29 -20.09
N LEU A 134 24.62 -13.12 -19.37
CA LEU A 134 23.42 -13.91 -19.62
C LEU A 134 22.28 -13.13 -20.26
N GLY A 135 22.27 -11.83 -20.03
CA GLY A 135 21.22 -10.98 -20.58
C GLY A 135 21.48 -9.52 -20.35
N LEU A 136 20.51 -8.72 -20.83
CA LEU A 136 20.53 -7.26 -20.73
C LEU A 136 19.11 -6.72 -20.81
N ALA A 137 18.85 -5.56 -20.17
CA ALA A 137 17.52 -4.93 -20.24
C ALA A 137 17.66 -3.43 -20.07
N TYR A 138 16.67 -2.66 -20.54
CA TYR A 138 16.64 -1.22 -20.28
C TYR A 138 15.84 -1.00 -19.03
N GLY A 139 16.13 0.10 -18.34
CA GLY A 139 15.48 0.49 -17.09
C GLY A 139 16.35 0.04 -15.94
N GLY A 140 16.30 0.77 -14.85
CA GLY A 140 17.09 0.44 -13.65
C GLY A 140 18.59 0.45 -13.86
N SER A 141 19.08 1.42 -14.64
CA SER A 141 20.50 1.62 -14.90
C SER A 141 20.93 2.95 -14.21
N PRO A 142 21.96 2.91 -13.32
CA PRO A 142 22.38 4.15 -12.64
C PRO A 142 23.02 5.16 -13.60
N SER A 146 20.15 7.45 -18.85
CA SER A 146 19.66 6.12 -19.22
C SER A 146 18.22 5.95 -18.75
N HIS A 147 17.32 5.47 -19.66
CA HIS A 147 15.89 5.28 -19.35
C HIS A 147 15.37 3.94 -19.88
N GLY A 148 14.08 3.70 -19.68
CA GLY A 148 13.43 2.52 -20.21
C GLY A 148 12.68 1.64 -19.22
N GLY A 149 12.39 0.43 -19.66
CA GLY A 149 11.64 -0.49 -18.82
C GLY A 149 10.19 -0.56 -19.22
N VAL A 150 9.32 -0.99 -18.26
CA VAL A 150 7.87 -1.16 -18.46
C VAL A 150 7.20 0.05 -19.13
N CYS A 151 6.33 -0.23 -20.14
CA CYS A 151 5.56 0.76 -20.94
C CYS A 151 6.48 1.42 -21.98
N PRO A 152 6.11 1.40 -23.26
CA PRO A 152 7.02 1.93 -24.29
C PRO A 152 7.43 3.38 -24.08
N LYS A 153 8.74 3.62 -24.03
CA LYS A 153 9.32 4.96 -23.94
C LYS A 153 10.15 5.12 -25.21
N ALA A 154 9.82 6.16 -25.97
CA ALA A 154 10.48 6.45 -27.22
C ALA A 154 11.89 6.99 -27.00
N TYR A 155 12.78 6.57 -27.89
CA TYR A 155 14.15 7.05 -27.98
C TYR A 155 14.37 7.29 -29.47
N TYR A 156 14.71 8.54 -29.85
CA TYR A 156 14.99 8.78 -31.26
C TYR A 156 16.40 8.33 -31.56
N SER A 157 16.51 7.31 -32.42
CA SER A 157 17.83 6.78 -32.77
C SER A 157 18.45 7.61 -33.90
N PRO A 158 19.52 8.38 -33.64
CA PRO A 158 20.12 9.20 -34.72
C PRO A 158 20.69 8.37 -35.86
N VAL A 159 21.18 7.15 -35.54
CA VAL A 159 21.72 6.15 -36.47
C VAL A 159 20.59 5.42 -37.19
N GLY A 160 19.58 4.98 -36.44
CA GLY A 160 18.42 4.31 -37.03
C GLY A 160 17.44 5.20 -37.75
N LYS A 161 17.49 6.55 -37.49
CA LYS A 161 16.60 7.57 -38.09
C LYS A 161 15.10 7.37 -37.82
N LYS A 162 14.77 6.77 -36.68
CA LYS A 162 13.39 6.52 -36.25
C LYS A 162 13.32 6.35 -34.74
N ASN A 163 12.12 6.32 -34.21
CA ASN A 163 11.92 6.07 -32.81
C ASN A 163 11.98 4.57 -32.55
N ILE A 164 12.67 4.21 -31.47
CA ILE A 164 12.72 2.83 -30.95
C ILE A 164 12.14 2.97 -29.54
N TYR A 165 11.72 1.88 -28.94
CA TYR A 165 11.15 1.92 -27.59
C TYR A 165 12.02 1.18 -26.64
N LEU A 166 12.09 1.68 -25.42
CA LEU A 166 13.01 1.15 -24.41
C LEU A 166 12.41 0.15 -23.43
N ASN A 167 11.28 -0.45 -23.79
CA ASN A 167 10.54 -1.44 -23.00
C ASN A 167 10.99 -2.83 -23.43
N SER A 168 12.30 -3.04 -23.44
CA SER A 168 12.89 -4.29 -23.94
C SER A 168 14.02 -4.85 -23.04
N GLY A 169 14.26 -6.12 -23.25
CA GLY A 169 15.30 -6.87 -22.58
C GLY A 169 15.51 -8.19 -23.29
N LEU A 170 16.58 -8.88 -22.93
CA LEU A 170 16.89 -10.14 -23.55
C LEU A 170 17.50 -11.14 -22.57
N THR A 171 17.40 -12.40 -22.91
CA THR A 171 17.90 -13.56 -22.15
C THR A 171 18.52 -14.55 -23.10
N SER A 172 19.73 -15.01 -22.81
CA SER A 172 20.33 -16.11 -23.56
C SER A 172 20.33 -17.31 -22.62
N THR A 173 20.02 -18.51 -23.16
CA THR A 173 20.03 -19.74 -22.36
C THR A 173 21.30 -20.57 -22.61
N LYS A 174 22.29 -19.95 -23.28
CA LYS A 174 23.61 -20.55 -23.52
C LYS A 174 24.64 -19.71 -22.78
N ASN A 175 25.50 -20.39 -22.02
CA ASN A 175 26.60 -19.78 -21.29
C ASN A 175 27.76 -20.77 -21.20
N TYR A 176 28.96 -20.34 -21.62
CA TYR A 176 30.15 -21.21 -21.54
C TYR A 176 29.94 -22.55 -22.24
N GLY A 177 29.51 -22.50 -23.50
CA GLY A 177 29.36 -23.70 -24.34
C GLY A 177 28.27 -24.69 -23.98
N LYS A 178 27.31 -24.33 -23.12
CA LYS A 178 26.23 -25.26 -22.84
C LYS A 178 24.93 -24.57 -22.47
N THR A 179 23.85 -25.35 -22.50
CA THR A 179 22.52 -24.87 -22.11
C THR A 179 22.52 -24.70 -20.60
N ILE A 180 22.14 -23.50 -20.15
CA ILE A 180 22.04 -23.24 -18.70
C ILE A 180 20.86 -24.05 -18.12
N LEU A 181 20.87 -24.30 -16.80
CA LEU A 181 19.78 -25.05 -16.16
C LEU A 181 18.52 -24.21 -16.25
N THR A 182 17.33 -24.85 -16.23
CA THR A 182 16.09 -24.08 -16.25
C THR A 182 16.01 -23.20 -14.98
N LYS A 183 16.51 -23.68 -13.81
CA LYS A 183 16.53 -22.88 -12.58
C LYS A 183 17.39 -21.60 -12.73
N GLU A 184 18.45 -21.67 -13.58
CA GLU A 184 19.33 -20.52 -13.87
C GLU A 184 18.63 -19.61 -14.84
N ALA A 185 17.98 -20.19 -15.86
CA ALA A 185 17.26 -19.38 -16.88
C ALA A 185 16.17 -18.50 -16.24
N ASP A 186 15.41 -19.06 -15.26
CA ASP A 186 14.37 -18.35 -14.53
C ASP A 186 14.98 -17.13 -13.85
N LEU A 187 16.15 -17.29 -13.23
CA LEU A 187 16.86 -16.20 -12.54
C LEU A 187 17.33 -15.11 -13.50
N VAL A 188 17.80 -15.48 -14.69
CA VAL A 188 18.22 -14.45 -15.68
C VAL A 188 17.00 -13.58 -16.04
N THR A 189 15.90 -14.22 -16.50
CA THR A 189 14.69 -13.49 -16.92
C THR A 189 14.13 -12.64 -15.79
N THR A 190 14.07 -13.22 -14.56
CA THR A 190 13.63 -12.42 -13.40
C THR A 190 14.48 -11.16 -13.24
N HIS A 191 15.84 -11.31 -13.27
CA HIS A 191 16.78 -10.18 -13.13
C HIS A 191 16.56 -9.13 -14.24
N GLU A 192 16.46 -9.58 -15.51
CA GLU A 192 16.28 -8.65 -16.64
C GLU A 192 14.95 -7.89 -16.52
N LEU A 193 13.86 -8.62 -16.25
CA LEU A 193 12.55 -8.02 -16.06
C LEU A 193 12.57 -7.12 -14.81
N GLY A 194 13.44 -7.43 -13.83
CA GLY A 194 13.61 -6.63 -12.63
C GLY A 194 14.13 -5.23 -12.99
N HIS A 195 15.09 -5.18 -13.92
CA HIS A 195 15.60 -3.88 -14.45
C HIS A 195 14.47 -3.18 -15.18
N ASN A 196 13.69 -3.93 -15.99
CA ASN A 196 12.54 -3.34 -16.69
C ASN A 196 11.55 -2.73 -15.72
N PHE A 197 11.29 -3.43 -14.59
CA PHE A 197 10.37 -2.92 -13.55
C PHE A 197 10.99 -1.77 -12.73
N GLY A 198 12.25 -1.42 -13.00
CA GLY A 198 12.92 -0.27 -12.38
C GLY A 198 13.97 -0.54 -11.31
N ALA A 199 14.28 -1.81 -11.03
CA ALA A 199 15.30 -2.15 -10.02
C ALA A 199 16.71 -1.97 -10.57
N GLU A 200 17.60 -1.48 -9.72
CA GLU A 200 19.02 -1.37 -10.00
C GLU A 200 19.69 -2.56 -9.31
N HIS A 201 21.00 -2.75 -9.53
CA HIS A 201 21.67 -3.86 -8.84
C HIS A 201 21.75 -3.65 -7.35
N ASP A 202 21.69 -4.76 -6.61
CA ASP A 202 21.86 -4.73 -5.15
C ASP A 202 23.33 -4.45 -4.83
N PRO A 203 23.63 -3.48 -3.94
CA PRO A 203 25.03 -3.17 -3.63
C PRO A 203 25.57 -3.92 -2.41
N ASP A 204 26.89 -4.21 -2.40
CA ASP A 204 27.54 -4.86 -1.26
C ASP A 204 27.42 -4.06 0.05
N GLY A 205 27.45 -2.74 -0.09
CA GLY A 205 27.37 -1.76 0.99
C GLY A 205 26.11 -1.75 1.81
N LEU A 206 25.03 -2.48 1.37
CA LEU A 206 23.79 -2.59 2.13
C LEU A 206 23.54 -4.06 2.37
N ALA A 207 23.94 -4.54 3.56
CA ALA A 207 23.85 -5.95 3.98
C ALA A 207 22.43 -6.52 3.90
N GLU A 208 21.42 -5.67 4.12
CA GLU A 208 20.01 -6.08 4.04
C GLU A 208 19.71 -6.53 2.60
N CYS A 209 20.35 -5.85 1.62
CA CYS A 209 20.15 -6.09 0.19
C CYS A 209 21.11 -7.05 -0.47
N ALA A 210 22.22 -7.38 0.20
CA ALA A 210 23.18 -8.37 -0.29
C ALA A 210 23.66 -9.22 0.92
N PRO A 211 22.78 -10.11 1.45
CA PRO A 211 23.16 -10.93 2.62
C PRO A 211 24.24 -11.98 2.37
N ASN A 212 24.84 -12.44 3.47
CA ASN A 212 25.85 -13.51 3.45
C ASN A 212 25.17 -14.84 3.15
N GLU A 213 25.95 -15.86 2.75
CA GLU A 213 25.44 -17.21 2.43
C GLU A 213 24.72 -17.84 3.61
N ASP A 214 25.16 -17.53 4.85
CA ASP A 214 24.55 -18.02 6.09
C ASP A 214 23.26 -17.25 6.45
N GLN A 215 23.04 -16.06 5.83
CA GLN A 215 21.83 -15.25 5.99
C GLN A 215 20.82 -15.44 4.82
N GLY A 216 21.01 -16.49 4.02
CA GLY A 216 20.13 -16.82 2.89
C GLY A 216 20.71 -16.56 1.50
N GLY A 217 21.85 -15.89 1.47
CA GLY A 217 22.54 -15.55 0.23
C GLY A 217 22.05 -14.30 -0.46
N LYS A 218 22.51 -14.08 -1.70
CA LYS A 218 22.17 -12.88 -2.44
C LYS A 218 20.75 -12.93 -3.02
N TYR A 219 20.18 -11.75 -3.31
CA TYR A 219 18.87 -11.61 -3.95
C TYR A 219 19.02 -11.54 -5.47
N VAL A 220 17.89 -11.63 -6.21
CA VAL A 220 17.89 -11.70 -7.68
C VAL A 220 18.61 -10.55 -8.38
N MET A 221 18.56 -9.34 -7.80
CA MET A 221 19.22 -8.19 -8.42
C MET A 221 20.71 -8.01 -8.13
N TYR A 222 21.39 -9.03 -7.61
CA TYR A 222 22.82 -8.96 -7.35
C TYR A 222 23.57 -8.89 -8.70
N PRO A 223 24.63 -8.06 -8.87
CA PRO A 223 25.27 -7.98 -10.20
C PRO A 223 25.90 -9.26 -10.74
N ILE A 224 26.31 -10.18 -9.83
CA ILE A 224 26.93 -11.48 -10.17
C ILE A 224 25.84 -12.55 -10.14
N ALA A 225 25.75 -13.37 -11.19
CA ALA A 225 24.75 -14.43 -11.31
C ALA A 225 24.86 -15.48 -10.21
N VAL A 226 23.73 -15.70 -9.53
CA VAL A 226 23.56 -16.59 -8.38
C VAL A 226 24.16 -18.01 -8.50
N SER A 227 23.36 -18.94 -9.09
CA SER A 227 23.49 -20.39 -9.30
C SER A 227 22.08 -20.94 -9.02
N GLY A 228 21.40 -20.32 -8.05
CA GLY A 228 20.02 -20.63 -7.69
C GLY A 228 19.80 -21.61 -6.55
N ASP A 229 20.83 -21.90 -5.74
CA ASP A 229 20.72 -22.85 -4.63
C ASP A 229 20.42 -22.22 -3.27
N HIS A 230 20.65 -20.90 -3.09
CA HIS A 230 20.39 -20.22 -1.81
C HIS A 230 18.97 -19.68 -1.76
N GLU A 231 18.40 -19.54 -0.54
CA GLU A 231 17.00 -19.11 -0.31
C GLU A 231 16.60 -17.78 -0.98
N ASN A 232 17.47 -16.79 -0.90
CA ASN A 232 17.20 -15.45 -1.40
C ASN A 232 17.30 -15.30 -2.89
N ASN A 233 18.06 -16.17 -3.53
CA ASN A 233 18.38 -16.15 -4.96
C ASN A 233 17.23 -15.79 -5.89
N LYS A 234 16.04 -16.35 -5.63
CA LYS A 234 14.84 -16.17 -6.46
C LYS A 234 14.00 -14.94 -6.09
N MET A 235 14.30 -14.29 -4.96
CA MET A 235 13.54 -13.19 -4.40
C MET A 235 14.16 -11.80 -4.62
N PHE A 236 13.30 -10.78 -4.57
CA PHE A 236 13.73 -9.39 -4.69
C PHE A 236 14.11 -8.87 -3.31
N SER A 237 15.24 -8.14 -3.23
CA SER A 237 15.70 -7.50 -1.99
C SER A 237 14.77 -6.34 -1.66
N GLN A 238 14.94 -5.74 -0.46
CA GLN A 238 14.18 -4.55 -0.06
C GLN A 238 14.62 -3.38 -0.93
N CYS A 239 15.88 -3.34 -1.39
CA CYS A 239 16.34 -2.30 -2.31
C CYS A 239 15.56 -2.34 -3.62
N SER A 240 15.43 -3.53 -4.23
CA SER A 240 14.68 -3.73 -5.48
C SER A 240 13.23 -3.35 -5.26
N LYS A 241 12.65 -3.80 -4.13
CA LYS A 241 11.25 -3.50 -3.80
C LYS A 241 10.99 -2.01 -3.74
N GLN A 242 11.85 -1.22 -3.05
CA GLN A 242 11.69 0.24 -2.94
C GLN A 242 11.70 0.91 -4.33
N SER A 243 12.66 0.52 -5.21
CA SER A 243 12.78 1.05 -6.58
C SER A 243 11.56 0.68 -7.41
N ILE A 244 11.17 -0.62 -7.42
CA ILE A 244 10.05 -1.13 -8.22
C ILE A 244 8.72 -0.53 -7.75
N TYR A 245 8.51 -0.44 -6.42
CA TYR A 245 7.30 0.13 -5.82
C TYR A 245 7.04 1.52 -6.40
N LYS A 246 8.07 2.40 -6.44
CA LYS A 246 7.97 3.73 -7.06
C LYS A 246 7.51 3.62 -8.54
N THR A 247 8.06 2.66 -9.31
CA THR A 247 7.74 2.45 -10.73
C THR A 247 6.28 1.99 -10.91
N ILE A 248 5.91 0.85 -10.30
CA ILE A 248 4.60 0.19 -10.42
C ILE A 248 3.46 1.17 -10.33
N GLU A 249 3.47 1.99 -9.28
CA GLU A 249 2.52 3.08 -9.03
C GLU A 249 2.39 3.98 -10.29
N SER A 250 3.51 4.62 -10.66
CA SER A 250 3.65 5.50 -11.83
C SER A 250 3.43 4.83 -13.21
N LYS A 251 3.48 3.45 -13.31
CA LYS A 251 3.40 2.72 -14.58
C LYS A 251 2.21 1.83 -14.85
N ALA A 252 1.67 1.17 -13.81
CA ALA A 252 0.53 0.25 -13.95
C ALA A 252 -0.63 0.91 -14.68
N GLN A 253 -0.97 2.13 -14.27
CA GLN A 253 -2.05 2.90 -14.89
C GLN A 253 -1.77 3.23 -16.37
N GLU A 254 -0.49 3.38 -16.72
CA GLU A 254 -0.05 3.66 -18.07
C GLU A 254 -0.22 2.46 -19.04
N CYS A 255 0.26 1.23 -18.70
CA CYS A 255 0.21 0.16 -19.71
C CYS A 255 -0.13 -1.22 -19.19
N PHE A 256 -0.38 -1.36 -17.88
CA PHE A 256 -0.74 -2.69 -17.35
C PHE A 256 -2.19 -3.01 -17.70
N GLN A 257 -2.52 -4.31 -17.75
CA GLN A 257 -3.85 -4.78 -18.14
C GLN A 257 -4.37 -5.78 -17.11
N GLU A 258 -5.60 -6.27 -17.34
CA GLU A 258 -6.19 -7.27 -16.46
C GLU A 258 -5.52 -8.63 -16.71
N ARG A 259 -5.27 -9.37 -15.62
CA ARG A 259 -4.75 -10.75 -15.68
C ARG A 259 -5.77 -11.63 -16.39
N SER A 260 -5.30 -12.41 -17.37
CA SER A 260 -6.13 -13.37 -18.11
C SER A 260 -6.20 -14.73 -17.41
N PRO B 6 -32.79 13.45 33.45
CA PRO B 6 -33.57 12.21 33.65
C PRO B 6 -34.10 11.65 32.34
N MET B 7 -34.91 12.43 31.62
CA MET B 7 -35.46 12.03 30.32
C MET B 7 -34.35 12.21 29.26
N LYS B 8 -33.62 13.34 29.37
CA LYS B 8 -32.53 13.76 28.50
C LYS B 8 -31.23 13.02 28.92
N ASN B 9 -31.09 11.76 28.45
CA ASN B 9 -29.94 10.90 28.79
C ASN B 9 -29.09 10.46 27.58
N THR B 10 -29.37 10.98 26.39
CA THR B 10 -28.69 10.54 25.19
C THR B 10 -27.96 11.66 24.46
N CYS B 11 -26.68 11.42 24.17
CA CYS B 11 -25.90 12.32 23.37
C CYS B 11 -26.01 11.77 21.95
N LYS B 12 -26.75 12.50 21.09
CA LYS B 12 -26.93 12.12 19.70
C LYS B 12 -25.66 12.38 18.89
N LEU B 13 -25.27 11.39 18.04
CA LEU B 13 -24.05 11.49 17.24
C LEU B 13 -24.26 11.62 15.78
N LEU B 14 -23.34 12.37 15.16
CA LEU B 14 -23.14 12.43 13.74
C LEU B 14 -21.92 11.55 13.56
N VAL B 15 -22.09 10.42 12.88
CA VAL B 15 -21.01 9.49 12.64
C VAL B 15 -20.61 9.65 11.20
N VAL B 16 -19.34 9.89 10.95
CA VAL B 16 -18.80 10.06 9.61
C VAL B 16 -17.75 9.01 9.36
N ALA B 17 -17.89 8.31 8.20
CA ALA B 17 -16.92 7.34 7.71
C ALA B 17 -16.32 7.95 6.47
N ASP B 18 -14.98 8.15 6.45
CA ASP B 18 -14.33 8.75 5.26
C ASP B 18 -14.16 7.72 4.13
N HIS B 19 -13.51 8.11 3.01
CA HIS B 19 -13.27 7.22 1.85
C HIS B 19 -12.34 6.07 2.20
N ARG B 20 -11.41 6.28 3.17
CA ARG B 20 -10.46 5.27 3.64
C ARG B 20 -11.20 4.19 4.44
N PHE B 21 -12.07 4.60 5.40
CA PHE B 21 -12.84 3.64 6.18
C PHE B 21 -13.80 2.86 5.28
N TYR B 22 -14.46 3.54 4.32
CA TYR B 22 -15.41 2.94 3.38
C TYR B 22 -14.75 1.83 2.56
N ARG B 23 -13.52 2.07 2.08
CA ARG B 23 -12.75 1.14 1.25
C ARG B 23 -12.06 0.00 2.00
N TYR B 24 -11.34 0.31 3.08
CA TYR B 24 -10.55 -0.68 3.83
C TYR B 24 -11.23 -1.38 5.00
N MET B 25 -12.42 -0.91 5.41
CA MET B 25 -13.15 -1.49 6.53
C MET B 25 -14.51 -1.93 6.11
N GLY B 26 -15.14 -1.17 5.22
CA GLY B 26 -16.45 -1.49 4.71
C GLY B 26 -16.41 -2.14 3.36
N ARG B 27 -15.22 -2.64 2.94
CA ARG B 27 -14.91 -3.34 1.68
C ARG B 27 -15.50 -2.66 0.41
N GLY B 28 -15.55 -1.32 0.43
CA GLY B 28 -16.08 -0.51 -0.65
C GLY B 28 -17.58 -0.62 -0.82
N GLU B 29 -18.28 -1.01 0.27
CA GLU B 29 -19.73 -1.18 0.31
C GLU B 29 -20.35 -0.32 1.39
N GLU B 30 -21.51 0.29 1.07
CA GLU B 30 -22.29 1.15 1.96
C GLU B 30 -22.87 0.37 3.13
N SER B 31 -23.55 -0.78 2.85
CA SER B 31 -24.13 -1.65 3.86
C SER B 31 -23.08 -2.16 4.87
N THR B 32 -21.90 -2.60 4.38
CA THR B 32 -20.83 -3.14 5.24
C THR B 32 -20.35 -2.05 6.21
N THR B 33 -20.04 -0.86 5.67
CA THR B 33 -19.60 0.33 6.40
C THR B 33 -20.60 0.67 7.50
N THR B 34 -21.90 0.74 7.13
CA THR B 34 -23.00 1.09 8.05
C THR B 34 -23.12 0.13 9.23
N ASN B 35 -23.21 -1.19 8.94
CA ASN B 35 -23.37 -2.23 9.95
C ASN B 35 -22.22 -2.21 10.97
N TYR B 36 -20.94 -2.11 10.51
CA TYR B 36 -19.78 -2.05 11.40
C TYR B 36 -19.98 -0.91 12.44
N LEU B 37 -20.29 0.31 11.94
CA LEU B 37 -20.48 1.51 12.77
C LEU B 37 -21.66 1.44 13.67
N ILE B 38 -22.80 0.87 13.19
CA ILE B 38 -23.98 0.70 14.04
C ILE B 38 -23.63 -0.22 15.21
N GLU B 39 -22.99 -1.38 14.91
CA GLU B 39 -22.64 -2.37 15.93
C GLU B 39 -21.59 -1.80 16.92
N LEU B 40 -20.60 -1.06 16.41
CA LEU B 40 -19.55 -0.47 17.27
C LEU B 40 -20.22 0.51 18.24
N ILE B 41 -21.05 1.46 17.73
CA ILE B 41 -21.72 2.45 18.59
C ILE B 41 -22.65 1.80 19.60
N ASP B 42 -23.37 0.72 19.21
CA ASP B 42 -24.24 0.00 20.12
C ASP B 42 -23.46 -0.62 21.27
N ARG B 43 -22.30 -1.27 21.00
CA ARG B 43 -21.47 -1.89 22.05
C ARG B 43 -20.80 -0.80 22.95
N VAL B 44 -20.39 0.33 22.36
CA VAL B 44 -19.83 1.48 23.12
C VAL B 44 -20.95 2.06 24.00
N ASP B 45 -22.18 2.18 23.44
CA ASP B 45 -23.34 2.65 24.22
C ASP B 45 -23.58 1.76 25.42
N ASP B 46 -23.45 0.41 25.29
CA ASP B 46 -23.64 -0.48 26.43
C ASP B 46 -22.70 -0.13 27.61
N ILE B 47 -21.43 0.22 27.31
CA ILE B 47 -20.43 0.61 28.33
C ILE B 47 -20.94 1.85 29.09
N TYR B 48 -21.32 2.88 28.34
CA TYR B 48 -21.84 4.13 28.89
C TYR B 48 -23.10 3.93 29.73
N ARG B 49 -24.10 3.18 29.21
CA ARG B 49 -25.40 2.95 29.87
C ARG B 49 -25.31 2.23 31.22
N ASN B 50 -24.42 1.22 31.35
CA ASN B 50 -24.22 0.50 32.61
C ASN B 50 -23.33 1.30 33.58
N THR B 51 -22.82 2.47 33.16
CA THR B 51 -21.97 3.24 34.06
C THR B 51 -22.83 4.09 35.01
N ALA B 52 -22.65 3.91 36.33
CA ALA B 52 -23.32 4.75 37.33
C ALA B 52 -22.33 5.85 37.74
N TRP B 53 -22.50 7.03 37.16
CA TRP B 53 -21.62 8.18 37.37
C TRP B 53 -21.44 8.64 38.84
N ASP B 54 -22.35 8.23 39.74
CA ASP B 54 -22.29 8.53 41.18
C ASP B 54 -22.22 7.25 42.06
N ASN B 55 -21.90 6.10 41.43
CA ASN B 55 -21.79 4.76 42.03
C ASN B 55 -23.05 4.28 42.74
N ALA B 56 -24.20 4.84 42.35
CA ALA B 56 -25.50 4.50 42.89
C ALA B 56 -26.39 4.07 41.73
N GLY B 57 -27.36 4.90 41.36
CA GLY B 57 -28.29 4.63 40.27
C GLY B 57 -28.38 5.73 39.23
N PHE B 58 -27.34 6.57 39.14
CA PHE B 58 -27.33 7.62 38.12
C PHE B 58 -26.67 7.01 36.88
N LYS B 59 -27.37 6.04 36.28
CA LYS B 59 -26.94 5.33 35.09
C LYS B 59 -27.95 5.55 33.97
N GLY B 60 -27.75 4.86 32.85
CA GLY B 60 -28.63 4.95 31.70
C GLY B 60 -28.36 6.13 30.81
N TYR B 61 -27.16 6.74 30.94
CA TYR B 61 -26.72 7.83 30.07
C TYR B 61 -25.85 7.22 28.98
N GLY B 62 -26.01 7.68 27.76
CA GLY B 62 -25.24 7.13 26.66
C GLY B 62 -25.33 7.91 25.37
N ILE B 63 -25.15 7.17 24.27
CA ILE B 63 -25.03 7.71 22.93
C ILE B 63 -25.99 7.01 21.97
N GLN B 64 -26.17 7.55 20.78
CA GLN B 64 -27.05 7.01 19.74
C GLN B 64 -26.71 7.70 18.45
N ILE B 65 -26.61 6.94 17.36
CA ILE B 65 -26.31 7.53 16.07
C ILE B 65 -27.60 8.26 15.60
N GLU B 66 -27.48 9.55 15.29
CA GLU B 66 -28.56 10.38 14.76
C GLU B 66 -28.47 10.30 13.24
N GLN B 67 -27.25 10.42 12.69
CA GLN B 67 -26.99 10.36 11.26
C GLN B 67 -25.65 9.72 10.98
N ILE B 68 -25.62 8.90 9.93
CA ILE B 68 -24.42 8.26 9.39
C ILE B 68 -24.19 8.91 8.03
N ARG B 69 -22.96 9.38 7.79
CA ARG B 69 -22.57 9.96 6.53
C ARG B 69 -21.40 9.15 6.05
N ILE B 70 -21.57 8.44 4.93
CA ILE B 70 -20.49 7.66 4.34
C ILE B 70 -20.02 8.43 3.14
N LEU B 71 -18.72 8.72 3.11
CA LEU B 71 -18.09 9.43 2.01
C LEU B 71 -17.40 8.38 1.16
N LYS B 72 -18.04 8.01 0.03
CA LYS B 72 -17.60 6.95 -0.89
C LYS B 72 -16.30 7.23 -1.66
N SER B 73 -16.07 8.48 -2.00
CA SER B 73 -14.89 8.88 -2.80
C SER B 73 -14.17 10.05 -2.14
N PRO B 74 -12.84 10.23 -2.40
CA PRO B 74 -12.12 11.37 -1.81
C PRO B 74 -12.72 12.72 -2.23
N GLN B 75 -12.47 13.75 -1.42
CA GLN B 75 -12.92 15.11 -1.71
C GLN B 75 -11.86 15.77 -2.57
N GLU B 76 -12.26 16.30 -3.74
CA GLU B 76 -11.34 17.01 -4.64
C GLU B 76 -10.99 18.35 -3.98
N VAL B 77 -9.68 18.68 -3.95
CA VAL B 77 -9.17 19.91 -3.33
C VAL B 77 -8.40 20.82 -4.31
N LYS B 78 -8.55 22.17 -4.16
CA LYS B 78 -7.82 23.16 -4.95
C LYS B 78 -6.34 23.19 -4.49
N PRO B 79 -5.34 23.66 -5.29
CA PRO B 79 -3.95 23.64 -4.81
C PRO B 79 -3.78 24.50 -3.56
N GLY B 80 -3.35 23.84 -2.48
CA GLY B 80 -3.15 24.49 -1.18
C GLY B 80 -4.27 24.18 -0.21
N GLU B 81 -5.53 24.14 -0.71
CA GLU B 81 -6.71 23.85 0.12
C GLU B 81 -6.69 22.40 0.64
N LYS B 82 -7.30 22.18 1.81
CA LYS B 82 -7.38 20.82 2.36
C LYS B 82 -8.74 20.45 2.92
N HIS B 83 -8.98 19.13 2.96
CA HIS B 83 -10.23 18.55 3.43
C HIS B 83 -9.84 17.28 4.20
N TYR B 84 -10.61 16.92 5.24
CA TYR B 84 -10.31 15.71 6.02
C TYR B 84 -10.48 14.44 5.18
N ASN B 85 -11.42 14.49 4.19
CA ASN B 85 -11.75 13.39 3.30
C ASN B 85 -11.00 13.47 1.97
N MET B 86 -9.96 14.31 1.90
CA MET B 86 -9.14 14.43 0.69
C MET B 86 -8.30 13.15 0.51
N ALA B 87 -7.85 12.88 -0.73
CA ALA B 87 -7.09 11.66 -1.04
C ALA B 87 -5.69 11.60 -0.39
N LYS B 88 -4.98 12.73 -0.37
CA LYS B 88 -3.63 12.75 0.20
C LYS B 88 -3.58 13.03 1.72
N SER B 89 -2.44 12.73 2.35
CA SER B 89 -2.22 12.97 3.78
C SER B 89 -1.66 14.38 3.96
N TYR B 90 -1.83 14.97 5.16
CA TYR B 90 -1.29 16.30 5.51
C TYR B 90 -0.65 16.28 6.91
N PRO B 91 0.56 16.85 7.13
CA PRO B 91 1.41 17.61 6.21
C PRO B 91 2.32 16.82 5.27
N ASN B 92 2.70 15.58 5.65
CA ASN B 92 3.58 14.72 4.86
C ASN B 92 2.77 13.78 3.95
N GLU B 93 2.84 14.03 2.64
CA GLU B 93 2.16 13.27 1.59
C GLU B 93 2.68 11.82 1.56
N GLU B 94 4.01 11.65 1.77
CA GLU B 94 4.73 10.38 1.77
C GLU B 94 4.27 9.40 2.85
N LYS B 95 3.90 9.89 4.05
CA LYS B 95 3.43 9.07 5.18
C LYS B 95 1.94 8.71 5.04
N ASP B 96 1.58 7.46 5.42
CA ASP B 96 0.22 6.88 5.35
C ASP B 96 -0.89 7.72 5.99
N ALA B 97 -0.58 8.45 7.08
CA ALA B 97 -1.56 9.23 7.82
C ALA B 97 -1.23 10.72 7.98
N TRP B 98 -2.26 11.50 8.29
CA TRP B 98 -2.17 12.92 8.63
C TRP B 98 -1.53 13.04 10.00
N ASP B 99 -1.13 14.27 10.36
CA ASP B 99 -0.73 14.55 11.74
C ASP B 99 -2.12 14.52 12.41
N VAL B 100 -2.27 13.69 13.46
CA VAL B 100 -3.58 13.50 14.10
C VAL B 100 -4.26 14.79 14.59
N LYS B 101 -3.50 15.67 15.27
CA LYS B 101 -3.98 16.99 15.76
C LYS B 101 -4.51 17.81 14.58
N MET B 102 -3.74 17.87 13.50
CA MET B 102 -4.10 18.57 12.25
C MET B 102 -5.35 17.99 11.57
N LEU B 103 -5.50 16.64 11.57
CA LEU B 103 -6.69 16.01 10.99
C LEU B 103 -7.96 16.32 11.79
N LEU B 104 -7.87 16.31 13.15
CA LEU B 104 -9.06 16.58 13.97
C LEU B 104 -9.54 18.02 13.77
N GLU B 105 -8.60 18.94 13.67
CA GLU B 105 -8.90 20.36 13.43
C GLU B 105 -9.59 20.53 12.05
N GLN B 106 -9.03 19.88 11.01
CA GLN B 106 -9.60 19.90 9.64
C GLN B 106 -11.01 19.32 9.61
N PHE B 107 -11.22 18.16 10.29
CA PHE B 107 -12.55 17.54 10.38
C PHE B 107 -13.55 18.50 11.00
N SER B 108 -13.19 19.09 12.16
CA SER B 108 -14.02 20.06 12.90
C SER B 108 -14.40 21.25 12.02
N PHE B 109 -13.45 21.71 11.19
CA PHE B 109 -13.66 22.81 10.27
C PHE B 109 -14.69 22.41 9.15
N ASP B 110 -14.44 21.31 8.44
CA ASP B 110 -15.34 20.83 7.35
C ASP B 110 -16.74 20.41 7.76
N ILE B 111 -16.90 19.87 8.99
CA ILE B 111 -18.17 19.39 9.50
C ILE B 111 -18.93 20.39 10.36
N ALA B 112 -18.40 21.62 10.51
CA ALA B 112 -18.94 22.69 11.35
C ALA B 112 -20.44 22.87 11.23
N GLU B 113 -20.94 23.00 9.98
CA GLU B 113 -22.35 23.18 9.65
C GLU B 113 -23.18 22.06 10.25
N GLU B 114 -22.78 20.79 10.01
CA GLU B 114 -23.46 19.61 10.53
C GLU B 114 -23.26 19.42 12.04
N ALA B 115 -22.02 19.62 12.55
CA ALA B 115 -21.66 19.50 13.97
C ALA B 115 -22.44 20.47 14.84
N SER B 116 -22.80 21.65 14.28
CA SER B 116 -23.57 22.69 14.96
C SER B 116 -24.94 22.19 15.44
N LYS B 117 -25.45 21.11 14.81
CA LYS B 117 -26.78 20.52 15.03
C LYS B 117 -26.85 19.29 15.94
N VAL B 118 -25.69 18.70 16.32
CA VAL B 118 -25.62 17.48 17.14
C VAL B 118 -24.80 17.62 18.41
N CYS B 119 -25.06 16.72 19.38
CA CYS B 119 -24.30 16.64 20.63
C CYS B 119 -22.80 16.43 20.36
N LEU B 120 -22.46 15.48 19.45
CA LEU B 120 -21.09 15.17 19.02
C LEU B 120 -21.01 14.70 17.59
N ALA B 121 -19.88 14.96 16.96
CA ALA B 121 -19.56 14.46 15.62
C ALA B 121 -18.32 13.58 15.78
N HIS B 122 -18.32 12.38 15.18
CA HIS B 122 -17.16 11.48 15.26
C HIS B 122 -16.71 11.03 13.89
N LEU B 123 -15.41 11.16 13.61
CA LEU B 123 -14.80 10.70 12.37
C LEU B 123 -14.21 9.29 12.55
N PHE B 124 -14.57 8.39 11.65
CA PHE B 124 -14.04 7.04 11.59
C PHE B 124 -13.20 6.97 10.32
N THR B 125 -11.89 6.75 10.50
CA THR B 125 -10.89 6.68 9.42
C THR B 125 -10.06 5.38 9.45
N TYR B 126 -9.13 5.21 8.50
CA TYR B 126 -8.25 4.04 8.40
C TYR B 126 -6.87 4.56 7.99
N GLN B 127 -6.15 5.12 8.95
CA GLN B 127 -4.85 5.76 8.77
C GLN B 127 -3.89 5.28 9.84
N ASP B 128 -2.65 5.04 9.48
CA ASP B 128 -1.67 4.60 10.46
C ASP B 128 -0.90 5.79 11.01
N PHE B 129 -1.42 6.39 12.09
CA PHE B 129 -0.80 7.54 12.77
C PHE B 129 0.50 7.11 13.42
N ASP B 130 1.43 8.05 13.55
CA ASP B 130 2.74 7.82 14.17
C ASP B 130 2.63 7.42 15.65
N MET B 131 3.69 6.76 16.19
CA MET B 131 3.84 6.39 17.60
C MET B 131 2.70 5.57 18.21
N GLY B 132 2.00 4.77 17.41
CA GLY B 132 0.89 3.96 17.92
C GLY B 132 -0.35 4.74 18.35
N THR B 133 -0.58 5.93 17.76
CA THR B 133 -1.75 6.78 18.00
C THR B 133 -2.96 6.17 17.30
N LEU B 134 -4.10 6.12 18.01
CA LEU B 134 -5.34 5.54 17.53
C LEU B 134 -6.52 6.51 17.35
N GLY B 135 -6.53 7.57 18.13
CA GLY B 135 -7.60 8.55 18.06
C GLY B 135 -7.24 9.84 18.74
N LEU B 136 -8.16 10.80 18.65
CA LEU B 136 -8.01 12.12 19.26
C LEU B 136 -9.40 12.70 19.43
N ALA B 137 -9.58 13.54 20.46
CA ALA B 137 -10.85 14.17 20.79
C ALA B 137 -10.64 15.38 21.68
N TYR B 138 -11.56 16.34 21.62
CA TYR B 138 -11.56 17.52 22.49
C TYR B 138 -12.42 17.29 23.71
N GLY B 139 -12.16 18.06 24.77
CA GLY B 139 -12.99 18.03 25.97
C GLY B 139 -12.25 17.74 27.26
N GLY B 140 -11.08 17.10 27.13
CA GLY B 140 -10.24 16.74 28.26
C GLY B 140 -8.81 17.26 28.16
N SER B 141 -8.55 18.24 27.27
CA SER B 141 -7.21 18.85 27.11
C SER B 141 -7.27 20.41 27.09
N PRO B 142 -6.35 21.16 27.78
CA PRO B 142 -5.18 20.72 28.57
C PRO B 142 -5.49 20.15 29.96
N ARG B 143 -6.79 20.09 30.32
CA ARG B 143 -7.28 19.56 31.59
C ARG B 143 -8.70 18.99 31.40
N ALA B 144 -9.24 18.31 32.42
CA ALA B 144 -10.60 17.80 32.37
C ALA B 144 -11.62 18.94 32.24
N ASN B 145 -12.77 18.65 31.61
CA ASN B 145 -13.89 19.59 31.43
C ASN B 145 -13.48 20.94 30.78
N SER B 146 -12.61 20.88 29.75
CA SER B 146 -12.10 22.04 29.03
C SER B 146 -12.93 22.39 27.76
N HIS B 147 -12.33 23.19 26.82
CA HIS B 147 -12.94 23.60 25.54
C HIS B 147 -13.34 22.37 24.72
N GLY B 148 -14.58 22.36 24.24
CA GLY B 148 -15.06 21.28 23.41
C GLY B 148 -15.77 20.16 24.12
N GLY B 149 -15.84 19.02 23.44
CA GLY B 149 -16.57 17.88 23.97
C GLY B 149 -18.05 18.04 23.70
N VAL B 150 -18.90 17.33 24.46
CA VAL B 150 -20.36 17.29 24.28
C VAL B 150 -21.00 18.67 24.19
N CYS B 151 -21.99 18.81 23.30
CA CYS B 151 -22.82 20.00 23.03
C CYS B 151 -22.09 21.04 22.18
N PRO B 152 -22.66 21.42 21.02
CA PRO B 152 -21.97 22.40 20.17
C PRO B 152 -21.98 23.81 20.77
N LYS B 153 -20.84 24.48 20.69
CA LYS B 153 -20.57 25.84 21.17
C LYS B 153 -19.58 26.39 20.17
N ALA B 154 -19.93 27.46 19.44
CA ALA B 154 -19.05 28.00 18.40
C ALA B 154 -17.78 28.64 18.93
N TYR B 155 -16.68 28.45 18.19
CA TYR B 155 -15.36 29.05 18.43
C TYR B 155 -14.92 29.56 17.07
N TYR B 156 -14.68 30.88 16.94
CA TYR B 156 -14.21 31.44 15.67
C TYR B 156 -12.78 31.03 15.40
N SER B 157 -12.57 30.42 14.23
CA SER B 157 -11.25 30.01 13.78
C SER B 157 -10.76 31.20 12.92
N PRO B 158 -9.75 32.00 13.37
CA PRO B 158 -9.32 33.15 12.55
C PRO B 158 -8.71 32.77 11.19
N VAL B 159 -7.96 31.64 11.15
CA VAL B 159 -7.38 31.17 9.90
C VAL B 159 -8.45 30.52 8.98
N GLY B 160 -9.47 29.90 9.60
CA GLY B 160 -10.60 29.27 8.90
C GLY B 160 -11.64 30.26 8.41
N LYS B 161 -11.69 31.46 9.02
CA LYS B 161 -12.60 32.57 8.70
C LYS B 161 -14.07 32.24 8.94
N LYS B 162 -14.36 31.31 9.86
CA LYS B 162 -15.74 30.93 10.23
C LYS B 162 -15.81 30.34 11.64
N ASN B 163 -17.03 30.15 12.15
CA ASN B 163 -17.22 29.49 13.44
C ASN B 163 -17.02 27.98 13.26
N ILE B 164 -16.29 27.39 14.19
CA ILE B 164 -16.07 25.94 14.17
C ILE B 164 -16.57 25.40 15.49
N TYR B 165 -16.74 24.07 15.59
CA TYR B 165 -17.21 23.46 16.83
C TYR B 165 -16.18 22.42 17.23
N LEU B 166 -16.07 22.22 18.53
CA LEU B 166 -15.08 21.34 19.14
C LEU B 166 -15.76 20.13 19.79
N ASN B 167 -17.00 19.84 19.34
CA ASN B 167 -17.78 18.70 19.80
C ASN B 167 -17.42 17.52 18.87
N SER B 168 -16.11 17.27 18.70
CA SER B 168 -15.59 16.27 17.78
C SER B 168 -14.49 15.36 18.31
N GLY B 169 -14.31 14.26 17.59
CA GLY B 169 -13.32 13.25 17.88
C GLY B 169 -13.17 12.34 16.69
N LEU B 170 -12.06 11.60 16.66
CA LEU B 170 -11.84 10.65 15.56
C LEU B 170 -11.32 9.32 16.07
N THR B 171 -11.55 8.26 15.28
CA THR B 171 -11.04 6.91 15.58
C THR B 171 -10.45 6.33 14.30
N SER B 172 -9.23 5.79 14.39
CA SER B 172 -8.61 5.05 13.30
C SER B 172 -8.58 3.56 13.69
N THR B 173 -8.96 2.69 12.73
CA THR B 173 -8.95 1.24 12.94
C THR B 173 -7.70 0.57 12.31
N LYS B 174 -6.64 1.37 12.07
CA LYS B 174 -5.38 0.91 11.50
C LYS B 174 -4.26 1.33 12.40
N ASN B 175 -3.44 0.37 12.82
CA ASN B 175 -2.28 0.59 13.67
C ASN B 175 -1.19 -0.41 13.32
N TYR B 176 0.06 0.09 13.19
CA TYR B 176 1.26 -0.69 12.85
C TYR B 176 1.09 -1.61 11.61
N GLY B 177 0.53 -1.04 10.54
CA GLY B 177 0.30 -1.71 9.27
C GLY B 177 -0.83 -2.71 9.17
N LYS B 178 -1.61 -2.91 10.26
CA LYS B 178 -2.72 -3.87 10.31
C LYS B 178 -4.06 -3.24 10.80
N THR B 179 -5.19 -3.92 10.50
CA THR B 179 -6.50 -3.54 10.99
C THR B 179 -6.51 -4.00 12.47
N ILE B 180 -6.89 -3.10 13.39
CA ILE B 180 -6.93 -3.45 14.80
C ILE B 180 -8.12 -4.37 15.07
N LEU B 181 -8.08 -5.12 16.16
CA LEU B 181 -9.20 -5.98 16.53
C LEU B 181 -10.42 -5.10 16.84
N THR B 182 -11.62 -5.58 16.51
CA THR B 182 -12.85 -4.85 16.79
C THR B 182 -12.93 -4.49 18.31
N LYS B 183 -12.53 -5.43 19.21
CA LYS B 183 -12.52 -5.14 20.65
C LYS B 183 -11.60 -3.95 20.97
N GLU B 184 -10.50 -3.74 20.17
CA GLU B 184 -9.64 -2.57 20.40
C GLU B 184 -10.31 -1.32 19.82
N ALA B 185 -10.94 -1.42 18.63
CA ALA B 185 -11.63 -0.28 18.01
C ALA B 185 -12.76 0.25 18.92
N ASP B 186 -13.52 -0.65 19.58
CA ASP B 186 -14.58 -0.26 20.52
C ASP B 186 -13.98 0.60 21.63
N LEU B 187 -12.82 0.19 22.14
CA LEU B 187 -12.17 0.90 23.23
C LEU B 187 -11.53 2.24 22.83
N VAL B 188 -11.08 2.37 21.55
CA VAL B 188 -10.53 3.66 21.07
C VAL B 188 -11.69 4.67 21.08
N THR B 189 -12.84 4.27 20.50
CA THR B 189 -14.03 5.15 20.46
C THR B 189 -14.55 5.43 21.85
N THR B 190 -14.57 4.41 22.74
CA THR B 190 -15.02 4.64 24.12
C THR B 190 -14.14 5.73 24.80
N HIS B 191 -12.79 5.59 24.67
CA HIS B 191 -11.76 6.51 25.21
C HIS B 191 -11.95 7.91 24.64
N GLU B 192 -12.02 8.03 23.31
CA GLU B 192 -12.22 9.31 22.61
C GLU B 192 -13.54 10.01 23.07
N LEU B 193 -14.67 9.25 23.14
CA LEU B 193 -15.92 9.80 23.66
C LEU B 193 -15.83 10.15 25.15
N GLY B 194 -14.97 9.43 25.90
CA GLY B 194 -14.72 9.71 27.31
C GLY B 194 -14.16 11.10 27.47
N HIS B 195 -13.21 11.49 26.58
CA HIS B 195 -12.65 12.86 26.56
C HIS B 195 -13.73 13.86 26.22
N ASN B 196 -14.59 13.55 25.21
CA ASN B 196 -15.71 14.42 24.85
C ASN B 196 -16.67 14.64 26.01
N PHE B 197 -16.90 13.58 26.82
CA PHE B 197 -17.76 13.64 28.01
C PHE B 197 -17.04 14.34 29.21
N GLY B 198 -15.83 14.88 29.01
CA GLY B 198 -15.08 15.64 30.02
C GLY B 198 -13.96 14.94 30.77
N ALA B 199 -13.79 13.62 30.57
CA ALA B 199 -12.76 12.90 31.29
C ALA B 199 -11.35 13.20 30.80
N GLU B 200 -10.40 13.21 31.73
CA GLU B 200 -8.98 13.33 31.39
C GLU B 200 -8.38 11.93 31.61
N HIS B 201 -7.08 11.75 31.41
CA HIS B 201 -6.51 10.43 31.65
C HIS B 201 -6.51 10.06 33.11
N ASP B 202 -6.55 8.73 33.35
CA ASP B 202 -6.41 8.16 34.68
C ASP B 202 -4.92 8.30 35.05
N PRO B 203 -4.54 8.17 36.36
CA PRO B 203 -3.10 8.18 36.70
C PRO B 203 -2.40 6.94 36.13
N ASP B 204 -1.12 7.06 35.72
CA ASP B 204 -0.34 5.91 35.26
C ASP B 204 0.16 5.11 36.49
N GLY B 205 0.53 3.84 36.30
CA GLY B 205 1.05 3.02 37.38
C GLY B 205 -0.04 2.37 38.21
N LEU B 206 0.07 2.46 39.54
CA LEU B 206 -0.91 1.87 40.45
C LEU B 206 -1.54 2.98 41.28
N ALA B 207 -2.88 3.05 41.23
CA ALA B 207 -3.69 4.03 41.96
C ALA B 207 -5.10 3.47 42.09
N GLU B 208 -5.97 4.15 42.86
CA GLU B 208 -7.37 3.75 43.00
C GLU B 208 -8.00 3.68 41.59
N CYS B 209 -7.64 4.62 40.71
CA CYS B 209 -8.14 4.72 39.32
C CYS B 209 -7.28 3.99 38.29
N ALA B 210 -6.27 3.23 38.74
CA ALA B 210 -5.41 2.45 37.87
C ALA B 210 -5.03 1.12 38.56
N PRO B 211 -6.03 0.20 38.70
CA PRO B 211 -5.77 -1.07 39.41
C PRO B 211 -4.75 -2.00 38.78
N ASN B 212 -4.20 -2.90 39.61
CA ASN B 212 -3.27 -3.93 39.15
C ASN B 212 -4.08 -5.02 38.39
N GLU B 213 -3.40 -5.89 37.65
CA GLU B 213 -3.98 -7.00 36.87
C GLU B 213 -4.92 -7.90 37.71
N ASP B 214 -4.56 -8.21 38.98
CA ASP B 214 -5.36 -9.04 39.88
C ASP B 214 -6.71 -8.37 40.23
N GLN B 215 -6.78 -7.04 40.13
CA GLN B 215 -8.01 -6.31 40.44
C GLN B 215 -8.87 -5.98 39.20
N GLY B 216 -8.44 -6.47 38.03
CA GLY B 216 -9.14 -6.29 36.75
C GLY B 216 -8.39 -5.50 35.70
N GLY B 217 -7.24 -4.95 36.08
CA GLY B 217 -6.43 -4.14 35.18
C GLY B 217 -6.84 -2.68 35.16
N LYS B 218 -6.37 -1.96 34.15
CA LYS B 218 -6.61 -0.52 33.98
C LYS B 218 -7.99 -0.25 33.39
N TYR B 219 -8.51 0.95 33.65
CA TYR B 219 -9.77 1.45 33.09
C TYR B 219 -9.59 2.11 31.73
N VAL B 220 -10.70 2.35 31.00
CA VAL B 220 -10.68 2.86 29.61
C VAL B 220 -9.91 4.17 29.39
N MET B 221 -9.88 5.04 30.41
CA MET B 221 -9.18 6.33 30.33
C MET B 221 -7.71 6.28 30.71
N TYR B 222 -7.12 5.07 30.76
CA TYR B 222 -5.70 4.89 31.04
C TYR B 222 -4.90 5.57 29.90
N PRO B 223 -3.78 6.30 30.20
CA PRO B 223 -3.07 7.04 29.14
C PRO B 223 -2.40 6.21 28.05
N ILE B 224 -2.10 4.93 28.36
CA ILE B 224 -1.53 4.00 27.40
C ILE B 224 -2.75 3.18 26.94
N ALA B 225 -2.97 3.14 25.62
CA ALA B 225 -4.16 2.49 25.05
C ALA B 225 -4.39 1.08 25.59
N VAL B 226 -5.52 0.87 26.30
CA VAL B 226 -5.86 -0.45 26.86
C VAL B 226 -6.17 -1.41 25.70
N SER B 227 -5.75 -2.67 25.83
CA SER B 227 -5.90 -3.69 24.78
C SER B 227 -7.30 -4.25 24.65
N GLY B 228 -8.02 -4.31 25.76
CA GLY B 228 -9.33 -4.93 25.85
C GLY B 228 -9.20 -6.33 26.43
N ASP B 229 -7.96 -6.76 26.78
CA ASP B 229 -7.65 -8.08 27.35
C ASP B 229 -8.08 -8.26 28.82
N HIS B 230 -8.24 -7.15 29.58
CA HIS B 230 -8.57 -7.22 31.00
C HIS B 230 -9.94 -6.68 31.27
N GLU B 231 -10.58 -7.11 32.36
CA GLU B 231 -11.94 -6.75 32.77
C GLU B 231 -12.20 -5.26 32.89
N ASN B 232 -11.27 -4.50 33.52
CA ASN B 232 -11.52 -3.04 33.70
C ASN B 232 -11.38 -2.21 32.44
N ASN B 233 -10.72 -2.76 31.41
CA ASN B 233 -10.49 -2.08 30.14
C ASN B 233 -11.73 -1.48 29.50
N LYS B 234 -12.89 -2.14 29.69
CA LYS B 234 -14.21 -1.76 29.14
C LYS B 234 -15.05 -0.97 30.15
N MET B 235 -14.41 -0.39 31.17
N MET B 235 -14.41 -0.41 31.19
CA MET B 235 -15.11 0.36 32.22
CA MET B 235 -15.09 0.33 32.27
C MET B 235 -14.45 1.70 32.54
C MET B 235 -14.44 1.69 32.56
N PHE B 236 -15.20 2.61 33.17
CA PHE B 236 -14.68 3.92 33.57
C PHE B 236 -14.25 3.85 35.01
N SER B 237 -13.14 4.54 35.34
CA SER B 237 -12.65 4.60 36.71
C SER B 237 -13.51 5.58 37.51
N GLN B 238 -13.27 5.66 38.82
CA GLN B 238 -13.93 6.62 39.71
C GLN B 238 -13.54 8.03 39.29
N CYS B 239 -12.27 8.22 38.90
CA CYS B 239 -11.72 9.49 38.42
C CYS B 239 -12.48 9.99 37.19
N SER B 240 -12.69 9.11 36.18
CA SER B 240 -13.46 9.44 34.98
C SER B 240 -14.93 9.72 35.35
N LYS B 241 -15.50 8.94 36.29
CA LYS B 241 -16.89 9.10 36.73
C LYS B 241 -17.12 10.52 37.31
N GLN B 242 -16.19 10.98 38.17
CA GLN B 242 -16.22 12.30 38.79
C GLN B 242 -16.27 13.43 37.75
N SER B 243 -15.35 13.45 36.75
CA SER B 243 -15.30 14.48 35.70
C SER B 243 -16.52 14.43 34.76
N ILE B 244 -16.93 13.21 34.34
CA ILE B 244 -18.07 13.02 33.44
C ILE B 244 -19.41 13.37 34.12
N TYR B 245 -19.57 12.99 35.40
CA TYR B 245 -20.75 13.30 36.21
C TYR B 245 -20.96 14.82 36.27
N LYS B 246 -19.86 15.59 36.41
CA LYS B 246 -19.91 17.04 36.43
C LYS B 246 -20.31 17.58 35.06
N THR B 247 -19.84 16.93 33.95
CA THR B 247 -20.22 17.29 32.58
C THR B 247 -21.73 16.99 32.38
N ILE B 248 -22.18 15.80 32.76
CA ILE B 248 -23.57 15.37 32.61
C ILE B 248 -24.51 16.31 33.39
N GLU B 249 -24.20 16.62 34.66
CA GLU B 249 -24.99 17.53 35.51
C GLU B 249 -25.08 18.96 34.92
N SER B 250 -24.08 19.39 34.13
CA SER B 250 -24.09 20.72 33.51
C SER B 250 -24.42 20.81 32.01
N LYS B 251 -24.35 19.69 31.26
CA LYS B 251 -24.59 19.69 29.81
C LYS B 251 -25.74 18.83 29.28
N ALA B 252 -26.32 17.94 30.11
CA ALA B 252 -27.44 17.10 29.70
C ALA B 252 -28.67 17.96 29.36
N GLN B 253 -28.95 19.00 30.19
CA GLN B 253 -30.06 19.93 29.96
C GLN B 253 -29.82 20.75 28.69
N GLU B 254 -28.53 21.05 28.37
CA GLU B 254 -28.13 21.80 27.19
C GLU B 254 -28.36 21.08 25.84
N CYS B 255 -27.91 19.81 25.71
CA CYS B 255 -28.01 19.14 24.40
C CYS B 255 -28.35 17.64 24.41
N PHE B 256 -28.40 17.00 25.59
CA PHE B 256 -28.76 15.57 25.64
C PHE B 256 -30.26 15.42 25.46
N GLN B 257 -30.67 14.36 24.77
CA GLN B 257 -32.08 14.13 24.46
C GLN B 257 -32.57 12.76 24.95
N GLU B 258 -33.84 12.47 24.67
CA GLU B 258 -34.43 11.17 24.96
C GLU B 258 -34.02 10.30 23.78
N ARG B 259 -34.01 8.96 23.94
CA ARG B 259 -33.63 8.05 22.86
C ARG B 259 -34.61 8.15 21.69
#